data_5A6G
#
_entry.id   5A6G
#
_cell.length_a   1.000
_cell.length_b   1.000
_cell.length_c   1.000
_cell.angle_alpha   90.00
_cell.angle_beta   90.00
_cell.angle_gamma   90.00
#
_symmetry.space_group_name_H-M   'P 1'
#
loop_
_entity.id
_entity.type
_entity.pdbx_description
1 polymer 'S1-S4 DOMAIN OF POTASSIUM CHANNEL SUBFAMILY T MEMBER 1'
2 polymer 'PORE DOMAIN OF POTASSIUM CHANNEL SUBFAMILY T MEMBER 1'
#
loop_
_entity_poly.entity_id
_entity_poly.type
_entity_poly.pdbx_seq_one_letter_code
_entity_poly.pdbx_strand_id
1 'polypeptide(L)'
;(UNK)(UNK)(UNK)(UNK)(UNK)(UNK)(UNK)(UNK)(UNK)(UNK)(UNK)(UNK)(UNK)(UNK)(UNK)(UNK)
(UNK)(UNK)(UNK)(UNK)(UNK)(UNK)(UNK)(UNK)(UNK)(UNK)(UNK)(UNK)(UNK)(UNK)(UNK)(UNK)
(UNK)(UNK)(UNK)(UNK)(UNK)(UNK)(UNK)(UNK)(UNK)(UNK)(UNK)(UNK)(UNK)(UNK)(UNK)(UNK)
(UNK)(UNK)(UNK)(UNK)(UNK)(UNK)(UNK)(UNK)(UNK)(UNK)(UNK)(UNK)(UNK)(UNK)(UNK)(UNK)
(UNK)(UNK)(UNK)(UNK)(UNK)(UNK)(UNK)(UNK)(UNK)(UNK)(UNK)(UNK)(UNK)(UNK)(UNK)(UNK)
(UNK)(UNK)(UNK)(UNK)(UNK)(UNK)(UNK)(UNK)(UNK)(UNK)(UNK)(UNK)(UNK)(UNK)(UNK)(UNK)
(UNK)(UNK)(UNK)(UNK)(UNK)(UNK)(UNK)(UNK)(UNK)(UNK)(UNK)(UNK)(UNK)(UNK)(UNK)(UNK)
(UNK)(UNK)(UNK)(UNK)(UNK)(UNK)(UNK)(UNK)(UNK)(UNK)(UNK)(UNK)(UNK)(UNK)(UNK)(UNK)
(UNK)(UNK)(UNK)(UNK)(UNK)(UNK)(UNK)(UNK)(UNK)(UNK)(UNK)
;
A
2 'polypeptide(L)'
;SAMFNQVLILICTLLCLVFTGTCGIQHLERAGEKLSLFKSFYFCIVTFSTVGYGDVTPKIWPSQLLVVIMICVALVVLPL
QFEELVYLWMERQK
;
B
#
# COMPACT_ATOMS: atom_id res chain seq x y z
N UNK A 1 -31.07 -18.47 -19.57
CA UNK A 1 -29.69 -18.02 -19.50
C UNK A 1 -29.50 -16.75 -20.33
N UNK A 2 -30.33 -16.57 -21.35
CA UNK A 2 -30.21 -15.43 -22.25
C UNK A 2 -30.82 -14.16 -21.65
N UNK A 3 -31.99 -14.31 -21.02
CA UNK A 3 -32.67 -13.18 -20.40
C UNK A 3 -31.77 -12.51 -19.37
N UNK A 4 -30.90 -13.30 -18.74
CA UNK A 4 -29.93 -12.79 -17.78
C UNK A 4 -28.86 -11.96 -18.48
N UNK A 5 -28.42 -12.43 -19.65
CA UNK A 5 -27.46 -11.68 -20.44
C UNK A 5 -28.05 -10.36 -20.89
N UNK A 6 -29.29 -10.40 -21.38
CA UNK A 6 -30.00 -9.19 -21.76
C UNK A 6 -30.12 -8.24 -20.57
N UNK A 7 -30.61 -8.75 -19.45
CA UNK A 7 -30.74 -7.95 -18.23
C UNK A 7 -29.40 -7.33 -17.83
N UNK A 8 -28.34 -8.13 -17.86
CA UNK A 8 -27.00 -7.65 -17.53
C UNK A 8 -26.61 -6.51 -18.45
N UNK A 9 -26.81 -6.70 -19.76
CA UNK A 9 -26.54 -5.65 -20.73
C UNK A 9 -27.29 -4.37 -20.35
N UNK A 10 -28.59 -4.51 -20.09
CA UNK A 10 -29.41 -3.37 -19.69
C UNK A 10 -28.84 -2.70 -18.44
N UNK A 11 -28.40 -3.50 -17.47
CA UNK A 11 -27.82 -2.98 -16.25
C UNK A 11 -26.53 -2.21 -16.54
N UNK A 12 -25.71 -2.76 -17.42
CA UNK A 12 -24.45 -2.13 -17.79
C UNK A 12 -24.70 -0.80 -18.52
N UNK A 13 -25.69 -0.79 -19.40
CA UNK A 13 -26.04 0.42 -20.14
C UNK A 13 -26.49 1.54 -19.22
N UNK A 14 -27.10 1.18 -18.09
CA UNK A 14 -27.60 2.16 -17.14
C UNK A 14 -26.46 2.91 -16.46
N UNK A 15 -25.24 2.39 -16.59
CA UNK A 15 -24.06 3.02 -16.01
C UNK A 15 -23.53 4.13 -16.92
N UNK A 16 -26.16 6.80 -14.20
CA UNK A 16 -27.00 6.81 -13.02
C UNK A 16 -26.65 5.64 -12.09
N UNK A 17 -26.20 4.54 -12.69
CA UNK A 17 -25.84 3.35 -11.93
C UNK A 17 -24.46 3.48 -11.31
N UNK A 18 -23.54 4.13 -12.02
CA UNK A 18 -22.17 4.31 -11.56
C UNK A 18 -22.14 5.03 -10.20
N UNK A 19 -23.00 6.03 -10.05
CA UNK A 19 -23.10 6.77 -8.80
C UNK A 19 -23.61 5.86 -7.68
N UNK A 20 -24.57 5.00 -8.02
CA UNK A 20 -25.11 4.04 -7.06
C UNK A 20 -24.02 3.07 -6.61
N UNK A 21 -23.28 2.54 -7.57
CA UNK A 21 -22.17 1.64 -7.29
C UNK A 21 -21.15 2.33 -6.39
N UNK A 22 -20.72 3.52 -6.80
CA UNK A 22 -19.77 4.31 -6.02
C UNK A 22 -20.29 4.51 -4.60
N UNK A 23 -21.58 4.82 -4.48
CA UNK A 23 -22.22 4.97 -3.18
C UNK A 23 -22.06 3.69 -2.37
N UNK A 24 -22.43 2.56 -2.95
CA UNK A 24 -22.27 1.27 -2.29
C UNK A 24 -20.83 1.06 -1.81
N UNK A 25 -19.88 1.32 -2.70
CA UNK A 25 -18.46 1.20 -2.36
C UNK A 25 -18.12 2.06 -1.14
N UNK A 26 -18.48 3.34 -1.22
CA UNK A 26 -18.25 4.27 -0.11
C UNK A 26 -18.83 3.70 1.18
N UNK A 27 -20.05 3.17 1.09
CA UNK A 27 -20.69 2.54 2.24
C UNK A 27 -19.81 1.42 2.80
N UNK A 28 -19.40 0.50 1.93
CA UNK A 28 -18.55 -0.61 2.35
C UNK A 28 -17.29 -0.10 3.06
N UNK A 29 -16.61 0.85 2.42
CA UNK A 29 -15.39 1.42 2.99
C UNK A 29 -15.65 1.99 4.38
N UNK A 30 -16.66 2.86 4.48
CA UNK A 30 -17.03 3.43 5.76
C UNK A 30 -17.27 2.34 6.80
N UNK A 31 -18.00 1.30 6.39
CA UNK A 31 -18.25 0.15 7.26
C UNK A 31 -16.95 -0.43 7.79
N UNK A 32 -16.03 -0.73 6.88
CA UNK A 32 -14.71 -1.23 7.28
C UNK A 32 -14.05 -0.28 8.29
N UNK A 33 -14.04 1.01 7.94
CA UNK A 33 -13.43 2.02 8.81
C UNK A 33 -14.00 1.96 10.22
N UNK A 34 -15.33 1.96 10.32
CA UNK A 34 -15.98 1.89 11.63
C UNK A 34 -15.64 0.59 12.34
N UNK A 35 -15.62 -0.51 11.58
CA UNK A 35 -15.25 -1.81 12.13
C UNK A 35 -13.90 -1.71 12.80
N UNK A 36 -12.92 -1.14 12.09
CA UNK A 36 -11.59 -0.95 12.64
C UNK A 36 -11.63 -0.19 13.97
N UNK A 37 -12.59 0.71 14.11
CA UNK A 37 -12.73 1.52 15.33
C UNK A 37 -13.37 0.73 16.47
N UNK A 38 -14.44 -0.02 16.15
CA UNK A 38 -15.09 -0.87 17.14
C UNK A 38 -14.08 -1.88 17.68
N UNK A 39 -13.30 -2.45 16.77
CA UNK A 39 -12.24 -3.39 17.13
C UNK A 39 -11.32 -2.80 18.20
N UNK A 40 -11.09 -1.49 18.14
CA UNK A 40 -10.29 -0.80 19.14
C UNK A 40 -11.10 -0.51 20.40
N UNK A 41 -12.35 -0.09 20.22
CA UNK A 41 -13.21 0.25 21.35
C UNK A 41 -13.44 -0.93 22.29
N UNK A 42 -13.61 -2.12 21.73
CA UNK A 42 -13.93 -3.30 22.53
C UNK A 42 -12.84 -3.62 23.58
N UNK A 43 -11.61 -3.83 23.13
CA UNK A 43 -10.53 -4.24 24.01
C UNK A 43 -10.40 -3.32 25.22
N UNK A 44 13.20 -11.89 22.49
CA UNK A 44 12.13 -12.85 22.76
C UNK A 44 10.77 -12.16 22.78
N UNK A 45 10.76 -10.85 22.57
CA UNK A 45 9.52 -10.08 22.57
C UNK A 45 8.76 -10.18 21.25
N UNK A 46 9.49 -10.08 20.14
CA UNK A 46 8.89 -10.04 18.81
C UNK A 46 8.08 -11.30 18.50
N UNK A 47 8.55 -12.45 19.00
CA UNK A 47 7.87 -13.71 18.77
C UNK A 47 6.53 -13.75 19.50
N UNK A 48 6.55 -13.43 20.80
CA UNK A 48 5.33 -13.35 21.58
C UNK A 48 4.38 -12.32 20.96
N UNK A 49 4.96 -11.24 20.43
CA UNK A 49 4.18 -10.26 19.70
C UNK A 49 3.49 -10.90 18.49
N UNK A 50 4.26 -11.63 17.68
CA UNK A 50 3.70 -12.33 16.53
C UNK A 50 2.67 -13.38 16.96
N UNK A 51 2.86 -13.96 18.13
CA UNK A 51 1.92 -14.94 18.67
C UNK A 51 0.60 -14.27 19.03
N UNK A 52 0.67 -13.21 19.82
CA UNK A 52 -0.51 -12.42 20.14
C UNK A 52 -1.15 -11.93 18.85
N UNK A 53 -0.31 -11.62 17.86
CA UNK A 53 -0.78 -11.22 16.54
C UNK A 53 -1.52 -12.39 15.87
N UNK A 54 -1.00 -13.60 16.06
CA UNK A 54 -1.67 -14.79 15.56
C UNK A 54 -3.02 -15.00 16.24
N UNK A 55 -3.06 -14.75 17.55
CA UNK A 55 -4.30 -14.81 18.29
C UNK A 55 -5.30 -13.80 17.71
N UNK A 56 -4.84 -12.57 17.56
CA UNK A 56 -5.65 -11.53 16.92
C UNK A 56 -5.92 -11.91 15.47
N UNK A 57 -5.04 -12.72 14.89
CA UNK A 57 -5.25 -13.22 13.53
C UNK A 57 -6.33 -14.28 13.54
N UNK A 58 -6.48 -14.97 14.67
CA UNK A 58 -7.56 -15.92 14.85
C UNK A 58 -8.88 -15.21 15.17
N UNK A 59 -8.81 -14.15 15.98
CA UNK A 59 -10.00 -13.46 16.48
C UNK A 59 -11.00 -13.06 15.38
N UNK A 60 -10.67 -12.06 14.58
CA UNK A 60 -11.62 -11.50 13.63
C UNK A 60 -11.61 -12.27 12.31
N UNK A 61 -19.60 -7.65 14.92
CA UNK A 61 -19.03 -8.91 14.47
C UNK A 61 -19.66 -9.32 13.14
N UNK A 62 -21.00 -9.33 13.09
CA UNK A 62 -21.72 -9.71 11.89
C UNK A 62 -21.61 -8.63 10.82
N UNK A 63 -21.66 -7.38 11.25
CA UNK A 63 -21.54 -6.25 10.34
C UNK A 63 -20.21 -6.26 9.60
N UNK A 64 -19.24 -6.99 10.15
CA UNK A 64 -17.94 -7.15 9.51
C UNK A 64 -18.03 -8.15 8.37
N UNK A 65 -18.87 -9.17 8.55
CA UNK A 65 -19.06 -10.20 7.53
C UNK A 65 -19.99 -9.75 6.42
N UNK A 66 -21.09 -9.08 6.79
CA UNK A 66 -22.09 -8.65 5.82
C UNK A 66 -21.48 -7.84 4.66
N UNK A 67 -20.77 -6.76 5.01
CA UNK A 67 -20.15 -5.89 4.02
C UNK A 67 -19.16 -6.69 3.17
N UNK A 68 -18.49 -7.64 3.78
CA UNK A 68 -17.56 -8.51 3.06
C UNK A 68 -18.30 -9.34 2.02
N UNK A 69 -19.42 -9.93 2.42
CA UNK A 69 -20.27 -10.67 1.49
C UNK A 69 -20.68 -9.77 0.32
N UNK A 70 -21.18 -8.58 0.65
CA UNK A 70 -21.55 -7.61 -0.38
C UNK A 70 -20.39 -7.35 -1.34
N UNK A 71 -19.20 -7.11 -0.78
CA UNK A 71 -18.01 -6.88 -1.58
C UNK A 71 -17.73 -8.05 -2.52
N UNK A 72 -17.73 -9.26 -1.97
CA UNK A 72 -17.52 -10.46 -2.78
C UNK A 72 -18.53 -10.51 -3.93
N UNK A 73 -19.78 -10.20 -3.62
CA UNK A 73 -20.81 -10.11 -4.66
C UNK A 73 -20.40 -9.12 -5.74
N UNK A 74 -20.01 -7.91 -5.34
CA UNK A 74 -19.55 -6.90 -6.29
C UNK A 74 -18.43 -7.44 -7.18
N UNK A 75 -17.41 -8.00 -6.57
CA UNK A 75 -16.28 -8.58 -7.31
C UNK A 75 -16.76 -9.62 -8.31
N UNK A 76 -17.64 -10.52 -7.86
CA UNK A 76 -18.22 -11.53 -8.73
C UNK A 76 -18.96 -10.87 -9.90
N UNK A 77 -19.67 -9.78 -9.62
CA UNK A 77 -20.39 -9.04 -10.65
C UNK A 77 -19.42 -8.48 -11.69
N UNK A 78 -18.39 -7.78 -11.25
CA UNK A 78 -17.41 -7.19 -12.17
C UNK A 78 -16.62 -8.25 -12.94
N UNK A 79 -16.32 -9.36 -12.27
CA UNK A 79 -15.54 -10.44 -12.89
C UNK A 79 -16.17 -10.93 -14.18
N UNK A 80 -17.48 -11.10 -14.16
CA UNK A 80 -18.21 -11.73 -15.26
C UNK A 80 -18.80 -10.73 -16.26
N UNK A 81 -18.51 -9.44 -16.11
CA UNK A 81 -19.37 -8.46 -16.74
C UNK A 81 -19.10 -8.29 -18.25
N UNK A 82 -18.13 -7.45 -18.62
CA UNK A 82 -17.71 -7.35 -20.02
C UNK A 82 -16.34 -7.96 -20.31
N UNK A 83 -15.63 -8.40 -19.27
CA UNK A 83 -14.20 -8.64 -19.39
C UNK A 83 -13.89 -9.65 -20.50
N UNK A 84 -13.04 -9.22 -21.44
CA UNK A 84 -12.67 -10.05 -22.58
C UNK A 84 -11.73 -11.17 -22.16
N UNK A 85 -10.67 -10.80 -21.43
CA UNK A 85 -9.69 -11.76 -20.98
C UNK A 85 -9.32 -11.55 -19.52
N UNK A 86 -8.69 -12.55 -18.93
CA UNK A 86 -8.25 -12.50 -17.53
C UNK A 86 -6.93 -11.77 -17.42
N UNK A 87 -5.90 -12.28 -18.09
CA UNK A 87 -4.57 -11.70 -18.04
C UNK A 87 -4.55 -10.25 -18.53
N UNK A 88 -5.65 -9.80 -19.14
CA UNK A 88 -5.79 -8.40 -19.55
C UNK A 88 -6.50 -7.56 -18.48
N UNK A 89 -7.77 -7.90 -18.22
CA UNK A 89 -8.60 -7.11 -17.32
C UNK A 89 -8.23 -7.29 -15.84
N UNK A 90 -8.06 -8.54 -15.42
CA UNK A 90 -7.79 -8.85 -14.01
C UNK A 90 -6.32 -8.67 -13.65
N UNK A 91 -5.50 -8.31 -14.63
CA UNK A 91 -4.07 -8.12 -14.40
C UNK A 91 -3.80 -6.92 -13.50
N UNK A 92 -4.76 -6.00 -13.43
CA UNK A 92 -4.61 -4.80 -12.62
C UNK A 92 -4.54 -5.17 -11.13
N UNK A 93 -3.93 -4.29 -10.35
CA UNK A 93 -3.79 -4.50 -8.91
C UNK A 93 -5.05 -4.05 -8.17
N UNK A 94 -5.92 -3.31 -8.85
CA UNK A 94 -7.15 -2.81 -8.24
C UNK A 94 -8.10 -3.95 -7.91
N UNK A 95 -8.04 -5.02 -8.68
CA UNK A 95 -8.88 -6.19 -8.44
C UNK A 95 -8.31 -7.04 -7.31
N UNK A 96 -6.99 -7.18 -7.28
CA UNK A 96 -6.31 -8.03 -6.32
C UNK A 96 -6.51 -7.54 -4.88
N UNK A 97 -6.40 -6.24 -4.66
CA UNK A 97 -6.58 -5.66 -3.33
C UNK A 97 -7.96 -5.99 -2.76
N UNK A 98 -9.00 -5.46 -3.41
CA UNK A 98 -10.38 -5.70 -3.00
C UNK A 98 -10.65 -7.20 -2.90
N UNK A 99 -10.23 -7.95 -3.91
CA UNK A 99 -10.39 -9.40 -3.92
C UNK A 99 -9.72 -10.01 -2.69
N UNK A 100 -8.57 -9.48 -2.32
CA UNK A 100 -7.84 -9.99 -1.16
C UNK A 100 -8.63 -9.72 0.11
N UNK A 101 -8.99 -8.46 0.33
CA UNK A 101 -9.74 -8.06 1.51
C UNK A 101 -11.01 -8.89 1.66
N UNK A 102 -11.83 -8.89 0.62
CA UNK A 102 -13.09 -9.63 0.64
C UNK A 102 -12.85 -11.13 0.81
N UNK A 103 -12.03 -11.69 -0.07
CA UNK A 103 -11.70 -13.12 -0.02
C UNK A 103 -11.33 -13.53 1.39
N UNK A 104 -10.25 -12.95 1.92
CA UNK A 104 -9.81 -13.30 3.25
C UNK A 104 -10.93 -13.09 4.27
N UNK A 105 -11.42 -11.85 4.37
CA UNK A 105 -12.37 -11.47 5.43
C UNK A 105 -13.66 -12.29 5.39
N UNK A 106 -14.00 -12.85 4.23
CA UNK A 106 -15.18 -13.69 4.09
C UNK A 106 -14.83 -15.18 4.11
N UNK A 107 -14.06 -15.62 3.12
CA UNK A 107 -13.67 -17.02 2.99
C UNK A 107 -13.04 -17.55 4.28
N UNK A 108 -12.25 -16.73 4.98
CA UNK A 108 -11.65 -17.18 6.22
C UNK A 108 -12.69 -17.22 7.33
N UNK A 109 -13.78 -16.47 7.15
CA UNK A 109 -14.88 -16.47 8.10
C UNK A 109 -15.76 -17.71 7.93
N UNK A 110 -16.12 -18.02 6.68
CA UNK A 110 -17.06 -19.11 6.41
C UNK A 110 -16.42 -20.46 6.06
N UNK A 111 -15.11 -20.52 5.90
CA UNK A 111 -14.45 -21.78 5.57
C UNK A 111 -14.24 -22.67 6.79
N UNK A 112 -13.71 -22.10 7.86
CA UNK A 112 -13.45 -22.83 9.09
C UNK A 112 -13.48 -21.90 10.30
N UNK A 113 -13.91 -22.43 11.45
CA UNK A 113 -14.01 -21.65 12.68
C UNK A 113 -14.84 -20.39 12.46
N UNK A 114 -8.01 -11.61 9.97
CA UNK A 114 -8.28 -10.73 11.10
C UNK A 114 -7.21 -9.64 11.18
N UNK A 115 -6.03 -10.00 11.69
CA UNK A 115 -4.90 -9.08 11.73
C UNK A 115 -4.63 -8.54 10.33
N UNK A 116 -4.28 -9.45 9.42
CA UNK A 116 -4.13 -9.12 8.01
C UNK A 116 -5.38 -8.40 7.53
N UNK A 117 -6.55 -8.90 7.92
CA UNK A 117 -7.82 -8.31 7.53
C UNK A 117 -8.10 -7.02 8.29
N UNK A 118 -7.37 -6.81 9.38
CA UNK A 118 -7.44 -5.56 10.13
C UNK A 118 -6.67 -4.48 9.38
N UNK A 119 -5.37 -4.70 9.22
CA UNK A 119 -4.50 -3.73 8.57
C UNK A 119 -4.82 -3.54 7.09
N UNK A 120 -5.03 -4.63 6.37
CA UNK A 120 -5.22 -4.58 4.92
C UNK A 120 -6.56 -3.97 4.51
N UNK A 121 -7.65 -4.50 5.05
CA UNK A 121 -8.99 -4.10 4.63
C UNK A 121 -9.21 -2.60 4.78
N UNK A 122 -8.71 -2.04 5.87
CA UNK A 122 -8.82 -0.60 6.10
C UNK A 122 -8.15 0.20 4.97
N UNK A 123 -6.83 0.05 4.85
CA UNK A 123 -6.06 0.72 3.82
C UNK A 123 -6.71 0.54 2.46
N UNK A 124 -7.02 -0.72 2.14
CA UNK A 124 -7.67 -1.06 0.88
C UNK A 124 -9.01 -0.34 0.75
N UNK A 125 -9.74 -0.24 1.85
CA UNK A 125 -11.03 0.43 1.86
C UNK A 125 -10.85 1.91 1.55
N UNK A 126 -9.82 2.52 2.14
CA UNK A 126 -9.50 3.92 1.87
C UNK A 126 -9.15 4.12 0.40
N UNK A 127 -8.20 3.32 -0.09
CA UNK A 127 -7.80 3.39 -1.49
C UNK A 127 -8.99 3.18 -2.42
N UNK A 128 -9.86 2.24 -2.05
CA UNK A 128 -11.06 1.96 -2.83
C UNK A 128 -11.99 3.17 -2.82
N UNK A 129 -12.15 3.78 -1.65
CA UNK A 129 -12.94 5.00 -1.54
C UNK A 129 -12.37 6.08 -2.47
N UNK A 130 -11.05 6.21 -2.47
CA UNK A 130 -10.39 7.15 -3.38
C UNK A 130 -10.72 6.82 -4.84
N UNK A 131 -10.50 5.58 -5.23
CA UNK A 131 -10.77 5.14 -6.60
C UNK A 131 -12.21 5.49 -7.00
N UNK A 132 -13.16 5.06 -6.18
CA UNK A 132 -14.57 5.33 -6.43
C UNK A 132 -14.82 6.84 -6.51
N UNK A 133 -14.17 7.59 -5.62
CA UNK A 133 -14.28 9.04 -5.63
C UNK A 133 -13.84 9.60 -6.99
N UNK A 134 -12.72 9.11 -7.49
CA UNK A 134 -12.25 9.49 -8.81
C UNK A 134 -13.30 9.15 -9.87
N UNK A 135 -13.71 7.88 -9.88
CA UNK A 135 -14.72 7.41 -10.82
C UNK A 135 -16.01 8.22 -10.70
N UNK A 136 -16.26 8.75 -9.50
CA UNK A 136 -17.44 9.58 -9.26
C UNK A 136 -17.25 10.99 -9.83
N UNK A 137 -16.09 11.57 -9.57
CA UNK A 137 -15.79 12.93 -10.01
C UNK A 137 -15.75 13.01 -11.54
N UNK A 138 -15.14 12.01 -12.16
CA UNK A 138 -15.01 12.00 -13.62
C UNK A 138 -16.34 12.23 -14.31
N UNK A 139 -17.35 11.44 -13.93
CA UNK A 139 -18.67 11.57 -14.53
C UNK A 139 -19.22 12.97 -14.36
N SER B 1 11.61 6.16 -24.30
CA SER B 1 10.89 6.75 -23.17
C SER B 1 11.86 7.41 -22.19
N ALA B 2 11.90 8.74 -22.21
CA ALA B 2 12.76 9.50 -21.31
C ALA B 2 12.20 9.57 -19.89
N MET B 3 10.88 9.72 -19.79
CA MET B 3 10.20 9.68 -18.50
C MET B 3 10.69 8.45 -17.77
N PHE B 4 10.52 7.32 -18.44
CA PHE B 4 10.98 6.04 -17.95
C PHE B 4 12.45 6.09 -17.55
N ASN B 5 13.29 6.59 -18.45
CA ASN B 5 14.74 6.66 -18.22
C ASN B 5 15.07 7.33 -16.89
N GLN B 6 14.53 8.53 -16.68
CA GLN B 6 14.86 9.23 -15.44
C GLN B 6 14.17 8.61 -14.23
N VAL B 7 12.96 8.07 -14.38
CA VAL B 7 12.36 7.30 -13.29
C VAL B 7 13.39 6.24 -12.85
N LEU B 8 13.94 5.53 -13.84
CA LEU B 8 14.98 4.55 -13.57
C LEU B 8 16.14 5.20 -12.84
N ILE B 9 16.70 6.28 -13.39
CA ILE B 9 17.83 6.94 -12.73
C ILE B 9 17.52 7.25 -11.27
N LEU B 10 16.34 7.81 -11.01
CA LEU B 10 15.92 8.10 -9.64
C LEU B 10 15.99 6.85 -8.78
N ILE B 11 15.32 5.80 -9.24
CA ILE B 11 15.29 4.54 -8.48
C ILE B 11 16.71 4.02 -8.27
N CYS B 12 17.48 3.96 -9.35
CA CYS B 12 18.86 3.50 -9.29
C CYS B 12 19.60 4.25 -8.19
N THR B 13 19.61 5.57 -8.30
CA THR B 13 20.32 6.41 -7.34
C THR B 13 19.85 6.16 -5.91
N LEU B 14 18.53 6.16 -5.71
CA LEU B 14 17.99 5.87 -4.38
C LEU B 14 18.59 4.56 -3.88
N LEU B 15 18.45 3.51 -4.67
CA LEU B 15 18.98 2.19 -4.32
C LEU B 15 20.45 2.28 -3.97
N CYS B 16 21.23 2.92 -4.84
CA CYS B 16 22.66 3.09 -4.62
C CYS B 16 22.90 3.72 -3.26
N LEU B 17 22.28 4.87 -3.02
CA LEU B 17 22.46 5.59 -1.76
C LEU B 17 22.10 4.72 -0.56
N VAL B 18 20.97 4.02 -0.65
CA VAL B 18 20.58 3.10 0.41
C VAL B 18 21.70 2.08 0.63
N PHE B 19 22.19 1.49 -0.45
CA PHE B 19 23.29 0.52 -0.36
C PHE B 19 24.52 1.13 0.31
N THR B 20 24.91 2.32 -0.14
CA THR B 20 26.07 3.00 0.43
C THR B 20 25.86 3.26 1.91
N GLY B 21 24.62 3.60 2.28
CA GLY B 21 24.30 3.85 3.66
C GLY B 21 24.39 2.61 4.52
N THR B 22 23.79 1.52 4.07
CA THR B 22 23.91 0.23 4.76
C THR B 22 25.38 -0.13 4.93
N CYS B 23 26.08 -0.18 3.80
CA CYS B 23 27.51 -0.49 3.80
C CYS B 23 28.30 0.52 4.61
N GLY B 24 27.81 1.76 4.67
CA GLY B 24 28.46 2.80 5.43
C GLY B 24 28.38 2.56 6.93
N ILE B 25 27.17 2.35 7.42
CA ILE B 25 26.95 2.15 8.85
C ILE B 25 27.33 0.74 9.27
N GLN B 26 27.36 -0.19 8.31
CA GLN B 26 27.64 -1.59 8.62
C GLN B 26 28.96 -1.83 9.35
N HIS B 27 30.07 -1.35 8.80
CA HIS B 27 31.39 -1.67 9.34
C HIS B 27 31.80 -0.81 10.55
N LEU B 28 31.19 0.36 10.70
CA LEU B 28 31.63 1.32 11.71
C LEU B 28 30.99 1.08 13.07
N GLU B 29 29.67 1.29 13.15
CA GLU B 29 28.95 1.13 14.40
C GLU B 29 28.98 -0.33 14.86
N ARG B 30 29.32 -1.23 13.95
CA ARG B 30 29.47 -2.65 14.28
C ARG B 30 30.56 -2.88 15.34
N ALA B 31 31.38 -1.85 15.56
CA ALA B 31 32.44 -1.91 16.56
C ALA B 31 31.96 -1.39 17.91
N GLY B 32 31.77 -0.08 18.02
CA GLY B 32 31.41 0.54 19.28
C GLY B 32 30.05 0.14 19.83
N GLU B 33 29.01 0.38 19.05
CA GLU B 33 27.65 -0.02 19.44
C GLU B 33 26.98 -0.77 18.29
N LYS B 34 26.77 -2.07 18.46
CA LYS B 34 26.35 -2.94 17.36
C LYS B 34 24.89 -2.69 16.94
N LEU B 35 24.69 -2.53 15.63
CA LEU B 35 23.36 -2.26 15.07
C LEU B 35 23.07 -3.19 13.90
N SER B 36 21.84 -3.70 13.82
CA SER B 36 21.43 -4.57 12.72
C SER B 36 21.23 -3.76 11.44
N LEU B 37 21.25 -4.44 10.30
CA LEU B 37 21.17 -3.80 9.00
C LEU B 37 19.88 -2.98 8.85
N PHE B 38 18.81 -3.49 9.43
CA PHE B 38 17.51 -2.86 9.30
C PHE B 38 17.55 -1.48 9.96
N LYS B 39 18.36 -1.37 11.02
CA LYS B 39 18.63 -0.08 11.64
C LYS B 39 19.26 0.85 10.62
N SER B 40 20.18 0.31 9.83
CA SER B 40 20.83 1.12 8.79
C SER B 40 19.78 1.57 7.78
N PHE B 41 19.06 0.61 7.19
CA PHE B 41 18.01 0.94 6.22
C PHE B 41 17.16 2.07 6.76
N TYR B 42 16.72 1.88 7.99
CA TYR B 42 15.99 2.87 8.75
C TYR B 42 16.70 4.22 8.66
N PHE B 43 17.92 4.31 9.20
CA PHE B 43 18.67 5.56 9.20
C PHE B 43 18.75 6.19 7.81
N CYS B 44 19.20 5.43 6.82
CA CYS B 44 19.34 5.94 5.46
C CYS B 44 18.05 6.58 4.98
N ILE B 45 16.98 5.79 5.03
CA ILE B 45 15.70 6.25 4.53
C ILE B 45 15.17 7.32 5.48
N VAL B 46 15.72 7.37 6.68
CA VAL B 46 15.39 8.43 7.63
C VAL B 46 16.17 9.70 7.27
N THR B 47 17.35 9.55 6.67
CA THR B 47 18.13 10.71 6.24
C THR B 47 17.61 11.30 4.94
N PHE B 48 17.37 10.45 3.95
CA PHE B 48 16.98 10.93 2.63
C PHE B 48 15.49 11.31 2.59
N SER B 49 14.76 10.89 3.61
CA SER B 49 13.37 11.30 3.76
C SER B 49 13.26 12.63 4.51
N THR B 50 14.39 13.07 5.08
CA THR B 50 14.43 14.30 5.87
C THR B 50 13.52 14.22 7.11
N VAL B 51 13.62 13.11 7.83
CA VAL B 51 12.82 12.90 9.04
C VAL B 51 13.67 13.11 10.29
N GLY B 52 14.69 12.26 10.49
CA GLY B 52 15.61 12.43 11.59
C GLY B 52 15.09 12.19 13.00
N TYR B 53 14.59 10.98 13.27
CA TYR B 53 14.08 10.65 14.59
C TYR B 53 15.13 10.79 15.70
N GLY B 54 16.23 10.04 15.59
CA GLY B 54 17.34 10.18 16.52
C GLY B 54 17.45 9.16 17.65
N ASP B 55 16.75 8.05 17.55
CA ASP B 55 16.86 6.98 18.54
C ASP B 55 18.30 6.52 18.67
N VAL B 56 18.96 6.32 17.53
CA VAL B 56 20.33 5.85 17.49
C VAL B 56 21.09 6.62 16.42
N THR B 57 22.25 7.18 16.80
CA THR B 57 23.04 7.99 15.88
C THR B 57 24.53 7.73 16.12
N PRO B 58 25.41 8.28 15.27
CA PRO B 58 26.84 8.06 15.51
C PRO B 58 27.39 8.85 16.70
N LYS B 59 28.10 8.17 17.60
CA LYS B 59 28.76 8.81 18.74
C LYS B 59 30.26 9.00 18.55
N ILE B 60 30.78 8.63 17.38
CA ILE B 60 32.21 8.48 17.19
C ILE B 60 32.77 9.55 16.25
N TRP B 61 34.06 9.81 16.40
CA TRP B 61 34.74 10.87 15.63
C TRP B 61 34.45 10.75 14.13
N PRO B 62 34.85 9.63 13.49
CA PRO B 62 34.61 9.56 12.05
C PRO B 62 33.15 9.29 11.66
N SER B 63 32.44 8.58 12.52
CA SER B 63 31.14 8.02 12.16
C SER B 63 30.13 9.07 11.74
N GLN B 64 30.06 10.16 12.49
CA GLN B 64 29.15 11.24 12.16
C GLN B 64 29.52 11.81 10.81
N LEU B 65 30.79 12.18 10.65
CA LEU B 65 31.28 12.80 9.42
C LEU B 65 30.87 12.00 8.20
N LEU B 66 31.14 10.70 8.24
CA LEU B 66 30.83 9.83 7.11
C LEU B 66 29.36 9.93 6.73
N VAL B 67 28.48 9.75 7.71
CA VAL B 67 27.05 9.94 7.48
C VAL B 67 26.85 11.33 6.88
N VAL B 68 27.41 12.33 7.54
CA VAL B 68 27.30 13.72 7.11
C VAL B 68 27.75 13.87 5.67
N ILE B 69 28.97 13.43 5.36
CA ILE B 69 29.51 13.57 4.02
C ILE B 69 28.54 12.98 3.01
N MET B 70 28.04 11.78 3.29
CA MET B 70 27.11 11.10 2.40
C MET B 70 25.85 11.93 2.19
N ILE B 71 25.39 12.57 3.26
CA ILE B 71 24.21 13.42 3.19
C ILE B 71 24.49 14.64 2.31
N CYS B 72 25.57 15.35 2.61
CA CYS B 72 25.95 16.54 1.85
C CYS B 72 26.02 16.24 0.37
N VAL B 73 26.72 15.17 0.02
CA VAL B 73 26.79 14.72 -1.37
C VAL B 73 25.36 14.43 -1.83
N ALA B 74 24.62 13.69 -1.02
CA ALA B 74 23.24 13.33 -1.35
C ALA B 74 22.40 14.58 -1.58
N LEU B 75 22.50 15.54 -0.67
CA LEU B 75 21.69 16.76 -0.75
C LEU B 75 21.94 17.54 -2.02
N VAL B 76 23.15 17.43 -2.58
CA VAL B 76 23.43 18.00 -3.88
C VAL B 76 22.91 17.03 -4.93
N VAL B 77 23.17 15.74 -4.72
CA VAL B 77 22.81 14.70 -5.67
C VAL B 77 21.30 14.52 -5.74
N LEU B 78 20.60 14.73 -4.61
CA LEU B 78 19.16 14.54 -4.56
C LEU B 78 18.48 15.42 -5.60
N PRO B 79 18.64 16.76 -5.48
CA PRO B 79 17.91 17.64 -6.40
C PRO B 79 18.30 17.48 -7.86
N LEU B 80 19.55 17.12 -8.14
CA LEU B 80 20.00 16.93 -9.52
C LEU B 80 19.02 16.03 -10.25
N GLN B 81 18.59 14.98 -9.55
CA GLN B 81 17.72 13.97 -10.15
C GLN B 81 16.26 14.42 -10.13
N PHE B 82 15.82 15.05 -9.04
CA PHE B 82 14.47 15.61 -9.01
C PHE B 82 14.41 16.65 -10.12
N GLU B 83 15.41 17.52 -10.18
CA GLU B 83 15.51 18.52 -11.24
C GLU B 83 15.35 17.84 -12.59
N GLU B 84 16.11 16.77 -12.80
CA GLU B 84 15.98 15.96 -14.00
C GLU B 84 14.54 15.52 -14.25
N LEU B 85 13.93 14.85 -13.28
CA LEU B 85 12.55 14.39 -13.39
C LEU B 85 11.61 15.52 -13.82
N VAL B 86 11.84 16.71 -13.29
CA VAL B 86 11.03 17.87 -13.65
C VAL B 86 11.19 18.18 -15.14
N TYR B 87 12.42 18.13 -15.64
CA TYR B 87 12.72 18.50 -17.02
C TYR B 87 11.89 17.69 -18.02
N LEU B 88 11.71 16.40 -17.76
CA LEU B 88 10.96 15.53 -18.65
C LEU B 88 9.47 15.82 -18.59
N TRP B 89 8.95 15.99 -17.38
CA TRP B 89 7.55 16.34 -17.20
C TRP B 89 7.23 17.57 -18.05
N MET B 90 8.21 18.47 -18.19
CA MET B 90 8.08 19.62 -19.07
C MET B 90 8.11 19.21 -20.54
N GLU B 91 8.90 18.17 -20.86
CA GLU B 91 8.97 17.66 -22.22
C GLU B 91 7.68 16.95 -22.60
N ARG B 92 7.15 16.15 -21.67
CA ARG B 92 5.90 15.42 -21.89
C ARG B 92 4.76 16.38 -22.17
N GLN B 93 4.71 17.48 -21.41
CA GLN B 93 3.70 18.52 -21.60
C GLN B 93 3.82 19.13 -22.99
N LYS B 94 5.05 19.40 -23.42
CA LYS B 94 5.31 19.98 -24.73
C LYS B 94 4.77 19.07 -25.84
#